data_4NFQ
#
_entry.id   4NFQ
#
_cell.length_a   77.360
_cell.length_b   44.380
_cell.length_c   48.830
_cell.angle_alpha   90.00
_cell.angle_beta   121.97
_cell.angle_gamma   90.00
#
_symmetry.space_group_name_H-M   'C 1 2 1'
#
loop_
_entity.id
_entity.type
_entity.pdbx_description
1 polymer GCAG(7AT)CUUAAGUCUGC
2 water water
#
_entity_poly.entity_id   1
_entity_poly.type   'polyribonucleotide'
_entity_poly.pdbx_seq_one_letter_code
;GCAG(7AT)CUUAAGUCUGC
;
_entity_poly.pdbx_strand_id   A,B,C
#